data_9C1Q
#
_entry.id   9C1Q
#
_cell.length_a   82.340
_cell.length_b   82.340
_cell.length_c   233.617
_cell.angle_alpha   90.00
_cell.angle_beta   90.00
_cell.angle_gamma   120.00
#
_symmetry.space_group_name_H-M   'P 61 2 2'
#
loop_
_entity.id
_entity.type
_entity.pdbx_description
1 polymer 'DDB1- and CUL4-associated factor 1'
2 non-polymer (4P)-N-[(1S)-3-amino-1-(3-chloro-4-fluorophenyl)-3-oxopropyl]-4-(4-chloro-2-fluorophenyl)-5-(3-methoxyprop-1-yn-1-yl)-1H-pyrrole-3-carboxamide
3 non-polymer 'UNKNOWN ATOM OR ION'
4 non-polymer 'SODIUM ION'
5 non-polymer 'CHLORIDE ION'
6 water water
#
_entity_poly.entity_id   1
_entity_poly.type   'polypeptide(L)'
_entity_poly.pdbx_seq_one_letter_code
;GASAFRPISVFREANEDESGFTCCAFSARERFLMLGTCTGQLKLYNVFSGQEEASYNCHNSAITHLEPSRDGSLLLTSAT
WSQPLSALWGMKSVFDMKHSFTEDHYVEFSKHSQDRVIGTKGDIAHIYDIQTGNKLLTLFNPDLANNYKRNCATFNPTDD
LVLNDGVLWDVRSAQAIHKFDKFNMNISGVFHPNGLEVIINTEIWDLRTFHLLHTVPALDQCRVVFNHTGTVMYGAMLQA
DDEDDLMEERMKSPFGSSFRTFNATDYKPIATIDVKRNIFDLCTDTKDCYLAVIENQGSMDALNMDTVCRLYEVG
;
_entity_poly.pdbx_strand_id   A
#
# COMPACT_ATOMS: atom_id res chain seq x y z
N PHE A 5 -3.01 3.43 21.58
CA PHE A 5 -2.25 2.35 20.89
C PHE A 5 -1.62 1.43 21.93
N ARG A 6 -2.38 0.42 22.31
CA ARG A 6 -1.93 -0.59 23.24
C ARG A 6 -1.26 -1.72 22.45
N PRO A 7 0.01 -2.06 22.73
CA PRO A 7 0.64 -3.19 22.07
C PRO A 7 -0.13 -4.44 22.48
N ILE A 8 -0.33 -5.34 21.52
CA ILE A 8 -1.04 -6.59 21.76
C ILE A 8 -0.07 -7.76 21.57
N SER A 9 0.73 -7.67 20.50
CA SER A 9 1.56 -8.78 20.06
C SER A 9 2.76 -8.25 19.30
N VAL A 10 3.87 -8.98 19.39
CA VAL A 10 5.04 -8.71 18.56
C VAL A 10 5.61 -10.04 18.16
N PHE A 11 6.13 -10.12 16.95
CA PHE A 11 6.84 -11.31 16.56
C PHE A 11 7.81 -10.99 15.44
N ARG A 12 8.83 -11.83 15.34
CA ARG A 12 9.79 -11.72 14.26
CA ARG A 12 9.79 -11.72 14.25
C ARG A 12 9.65 -12.95 13.36
N GLU A 13 10.35 -12.92 12.23
CA GLU A 13 10.30 -14.00 11.28
C GLU A 13 10.92 -15.24 11.92
N ALA A 14 10.20 -16.35 11.84
CA ALA A 14 10.54 -17.55 12.58
C ALA A 14 11.84 -18.14 12.02
N ASN A 15 12.71 -18.59 12.93
CA ASN A 15 13.95 -19.26 12.54
C ASN A 15 14.64 -18.42 11.46
N GLU A 16 15.09 -17.21 11.86
CA GLU A 16 15.87 -16.36 10.99
C GLU A 16 16.91 -15.63 11.85
N ASP A 17 18.19 -15.73 11.46
CA ASP A 17 19.21 -14.92 12.12
C ASP A 17 18.69 -13.50 12.32
N GLU A 18 18.53 -12.76 11.21
CA GLU A 18 17.84 -11.49 11.23
C GLU A 18 16.49 -11.68 10.52
N SER A 19 15.47 -11.02 11.06
CA SER A 19 14.10 -11.10 10.59
C SER A 19 13.91 -10.21 9.38
N GLY A 20 13.20 -10.73 8.37
CA GLY A 20 13.12 -10.08 7.07
C GLY A 20 11.69 -9.73 6.61
N PHE A 21 10.76 -9.50 7.55
CA PHE A 21 9.44 -9.02 7.15
C PHE A 21 9.58 -7.65 6.49
N THR A 22 8.83 -7.41 5.40
CA THR A 22 8.90 -6.17 4.65
C THR A 22 7.54 -5.51 4.49
N CYS A 23 6.44 -6.26 4.60
CA CYS A 23 5.12 -5.68 4.42
C CYS A 23 4.08 -6.60 5.02
N CYS A 24 2.86 -6.08 5.21
CA CYS A 24 1.82 -6.90 5.83
C CYS A 24 0.44 -6.55 5.31
N ALA A 25 -0.47 -7.50 5.45
CA ALA A 25 -1.89 -7.28 5.23
C ALA A 25 -2.68 -8.31 6.03
N PHE A 26 -3.84 -7.89 6.53
CA PHE A 26 -4.72 -8.80 7.23
C PHE A 26 -5.35 -9.76 6.24
N SER A 27 -5.32 -11.06 6.61
CA SER A 27 -5.99 -12.12 5.88
C SER A 27 -7.50 -11.97 6.01
N ALA A 28 -8.23 -12.51 5.05
CA ALA A 28 -9.67 -12.71 5.20
C ALA A 28 -9.95 -13.66 6.36
N ARG A 29 -8.97 -14.51 6.69
CA ARG A 29 -9.06 -15.41 7.82
C ARG A 29 -8.72 -14.66 9.11
N GLU A 30 -9.64 -14.73 10.08
CA GLU A 30 -9.45 -14.11 11.39
C GLU A 30 -8.17 -14.65 12.03
N ARG A 31 -7.44 -13.76 12.71
CA ARG A 31 -6.30 -14.13 13.57
C ARG A 31 -5.02 -14.32 12.74
N PHE A 32 -5.12 -14.25 11.40
CA PHE A 32 -3.96 -14.49 10.54
C PHE A 32 -3.56 -13.24 9.77
N LEU A 33 -2.25 -13.02 9.72
CA LEU A 33 -1.65 -11.92 9.00
C LEU A 33 -0.76 -12.47 7.88
N MET A 34 -0.83 -11.83 6.72
CA MET A 34 0.06 -12.13 5.61
C MET A 34 1.24 -11.16 5.65
N LEU A 35 2.45 -11.69 5.50
CA LEU A 35 3.64 -10.87 5.49
C LEU A 35 4.50 -11.23 4.28
N GLY A 36 5.00 -10.19 3.61
CA GLY A 36 6.07 -10.35 2.64
C GLY A 36 7.43 -10.31 3.32
N THR A 37 8.44 -10.88 2.66
CA THR A 37 9.79 -10.88 3.19
C THR A 37 10.81 -10.37 2.18
N CYS A 38 12.02 -10.09 2.70
CA CYS A 38 13.09 -9.55 1.89
C CYS A 38 13.63 -10.56 0.90
N THR A 39 13.33 -11.86 1.06
CA THR A 39 13.75 -12.88 0.08
C THR A 39 12.60 -13.26 -0.85
N GLY A 40 11.49 -12.52 -0.82
CA GLY A 40 10.43 -12.65 -1.81
C GLY A 40 9.41 -13.72 -1.43
N GLN A 41 9.40 -14.11 -0.15
CA GLN A 41 8.42 -15.06 0.35
C GLN A 41 7.19 -14.34 0.87
N LEU A 42 6.04 -15.00 0.69
CA LEU A 42 4.80 -14.67 1.35
C LEU A 42 4.61 -15.66 2.48
N LYS A 43 4.38 -15.13 3.69
CA LYS A 43 4.17 -15.97 4.86
C LYS A 43 2.83 -15.62 5.52
N LEU A 44 2.23 -16.65 6.11
CA LEU A 44 1.03 -16.49 6.92
C LEU A 44 1.42 -16.77 8.37
N TYR A 45 1.13 -15.80 9.24
CA TYR A 45 1.41 -15.91 10.67
C TYR A 45 0.13 -15.79 11.47
N ASN A 46 0.07 -16.55 12.57
CA ASN A 46 -0.86 -16.24 13.65
C ASN A 46 -0.37 -14.98 14.35
N VAL A 47 -1.20 -13.91 14.31
CA VAL A 47 -0.75 -12.58 14.68
C VAL A 47 -0.66 -12.45 16.22
N PHE A 48 -1.36 -13.34 16.94
CA PHE A 48 -1.37 -13.32 18.39
C PHE A 48 -0.23 -14.16 18.96
N SER A 49 0.03 -15.34 18.36
CA SER A 49 1.03 -16.25 18.90
C SER A 49 2.42 -15.98 18.29
N GLY A 50 2.42 -15.51 17.04
CA GLY A 50 3.65 -15.29 16.30
C GLY A 50 4.12 -16.56 15.58
N GLN A 51 3.25 -17.59 15.54
CA GLN A 51 3.59 -18.83 14.86
C GLN A 51 3.46 -18.70 13.34
N GLU A 52 4.45 -19.23 12.62
CA GLU A 52 4.40 -19.24 11.16
C GLU A 52 3.55 -20.42 10.72
N GLU A 53 2.56 -20.14 9.87
CA GLU A 53 1.60 -21.13 9.45
C GLU A 53 1.88 -21.64 8.03
N ALA A 54 2.35 -20.77 7.14
CA ALA A 54 2.57 -21.15 5.76
C ALA A 54 3.60 -20.22 5.14
N SER A 55 4.21 -20.67 4.05
CA SER A 55 5.25 -19.91 3.35
C SER A 55 5.25 -20.30 1.87
N TYR A 56 5.31 -19.30 0.99
N TYR A 56 5.32 -19.28 1.00
CA TYR A 56 5.39 -19.57 -0.43
CA TYR A 56 5.26 -19.44 -0.44
C TYR A 56 6.33 -18.55 -1.06
C TYR A 56 6.30 -18.50 -1.09
N ASN A 57 7.12 -19.02 -2.02
CA ASN A 57 8.07 -18.17 -2.71
C ASN A 57 7.40 -17.47 -3.89
N CYS A 58 7.30 -16.14 -3.84
CA CYS A 58 6.59 -15.36 -4.84
C CYS A 58 7.51 -14.60 -5.79
N HIS A 59 8.65 -14.10 -5.29
CA HIS A 59 9.50 -13.20 -6.06
C HIS A 59 10.97 -13.51 -5.76
N ASN A 60 11.88 -13.09 -6.64
CA ASN A 60 13.31 -13.30 -6.39
C ASN A 60 13.95 -12.02 -5.86
N SER A 61 13.14 -11.13 -5.31
CA SER A 61 13.63 -9.99 -4.54
C SER A 61 12.59 -9.64 -3.48
N ALA A 62 12.89 -8.67 -2.60
CA ALA A 62 12.00 -8.34 -1.50
C ALA A 62 10.59 -8.01 -2.00
N ILE A 63 9.59 -8.52 -1.28
CA ILE A 63 8.22 -8.09 -1.49
C ILE A 63 8.06 -6.69 -0.91
N THR A 64 7.60 -5.73 -1.72
CA THR A 64 7.46 -4.36 -1.24
C THR A 64 6.03 -4.11 -0.76
N HIS A 65 5.03 -4.74 -1.40
CA HIS A 65 3.63 -4.41 -1.17
C HIS A 65 2.77 -5.66 -1.38
N LEU A 66 1.68 -5.79 -0.64
N LEU A 66 1.74 -5.83 -0.51
CA LEU A 66 0.76 -6.86 -0.94
CA LEU A 66 0.73 -6.89 -0.59
C LEU A 66 -0.65 -6.44 -0.56
C LEU A 66 -0.66 -6.25 -0.69
N GLU A 67 -1.61 -6.94 -1.35
CA GLU A 67 -3.01 -6.57 -1.20
C GLU A 67 -3.88 -7.81 -1.43
N PRO A 68 -4.54 -8.34 -0.39
CA PRO A 68 -5.53 -9.40 -0.58
C PRO A 68 -6.85 -8.83 -1.08
N SER A 69 -7.56 -9.61 -1.91
CA SER A 69 -8.91 -9.26 -2.28
C SER A 69 -9.81 -9.41 -1.07
N ARG A 70 -10.93 -8.69 -1.04
CA ARG A 70 -11.84 -8.73 0.09
C ARG A 70 -12.39 -10.12 0.32
N ASP A 71 -12.59 -10.89 -0.76
CA ASP A 71 -13.26 -12.18 -0.63
C ASP A 71 -12.27 -13.29 -0.28
N GLY A 72 -10.97 -12.97 -0.25
CA GLY A 72 -9.97 -13.92 0.23
C GLY A 72 -9.47 -14.87 -0.85
N SER A 73 -9.88 -14.65 -2.10
CA SER A 73 -9.57 -15.61 -3.16
C SER A 73 -8.29 -15.21 -3.93
N LEU A 74 -7.90 -13.94 -3.85
CA LEU A 74 -6.81 -13.43 -4.68
C LEU A 74 -5.86 -12.58 -3.85
N LEU A 75 -4.62 -12.49 -4.31
CA LEU A 75 -3.59 -11.66 -3.69
C LEU A 75 -2.75 -10.97 -4.77
N LEU A 76 -2.51 -9.66 -4.60
CA LEU A 76 -1.51 -8.95 -5.37
C LEU A 76 -0.23 -8.84 -4.55
N THR A 77 0.91 -9.04 -5.23
CA THR A 77 2.22 -8.77 -4.69
C THR A 77 3.02 -7.90 -5.66
N SER A 78 3.96 -7.15 -5.10
CA SER A 78 4.95 -6.40 -5.86
C SER A 78 6.32 -6.63 -5.23
N ALA A 79 7.37 -6.62 -6.06
CA ALA A 79 8.72 -6.78 -5.59
C ALA A 79 9.56 -5.59 -6.04
N THR A 80 10.81 -5.52 -5.54
CA THR A 80 11.67 -4.37 -5.75
C THR A 80 12.18 -4.32 -7.19
N TRP A 81 12.83 -5.38 -7.69
CA TRP A 81 13.47 -5.26 -8.99
C TRP A 81 13.36 -6.52 -9.85
N SER A 82 12.72 -7.59 -9.38
CA SER A 82 12.73 -8.81 -10.16
C SER A 82 11.58 -8.81 -11.17
N GLN A 83 11.62 -9.78 -12.10
CA GLN A 83 10.66 -9.87 -13.18
C GLN A 83 9.82 -11.13 -12.99
N PRO A 84 8.48 -11.07 -12.86
CA PRO A 84 7.70 -9.83 -12.97
C PRO A 84 7.75 -8.98 -11.69
N LEU A 85 7.57 -7.68 -11.88
CA LEU A 85 7.63 -6.75 -10.77
C LEU A 85 6.40 -6.92 -9.87
N SER A 86 5.25 -7.28 -10.48
CA SER A 86 4.02 -7.54 -9.73
C SER A 86 3.33 -8.80 -10.25
N ALA A 87 2.50 -9.42 -9.40
CA ALA A 87 1.80 -10.63 -9.75
C ALA A 87 0.48 -10.72 -9.01
N LEU A 88 -0.43 -11.51 -9.59
CA LEU A 88 -1.70 -11.87 -8.99
C LEU A 88 -1.70 -13.37 -8.72
N TRP A 89 -2.08 -13.75 -7.49
CA TRP A 89 -2.04 -15.13 -7.04
C TRP A 89 -3.44 -15.56 -6.63
N GLY A 90 -3.75 -16.85 -6.87
CA GLY A 90 -4.97 -17.45 -6.37
C GLY A 90 -4.71 -18.13 -5.02
N MET A 91 -5.62 -17.94 -4.07
CA MET A 91 -5.43 -18.46 -2.75
C MET A 91 -6.52 -19.45 -2.34
N LYS A 92 -7.41 -19.82 -3.26
CA LYS A 92 -8.31 -20.94 -3.05
C LYS A 92 -7.61 -22.22 -3.49
N SER A 93 -7.82 -23.31 -2.74
CA SER A 93 -7.18 -24.60 -2.99
C SER A 93 -5.65 -24.42 -2.98
N VAL A 94 -4.99 -24.62 -4.12
CA VAL A 94 -3.54 -24.54 -4.21
C VAL A 94 -3.16 -23.08 -4.47
N PHE A 95 -2.25 -22.53 -3.66
CA PHE A 95 -1.70 -21.22 -3.94
C PHE A 95 -1.03 -21.27 -5.30
N ASP A 96 -1.48 -20.44 -6.25
CA ASP A 96 -1.00 -20.51 -7.62
C ASP A 96 -0.87 -19.11 -8.20
N MET A 97 -0.07 -18.99 -9.26
CA MET A 97 0.09 -17.71 -9.95
C MET A 97 -0.97 -17.60 -11.05
N LYS A 98 -1.76 -16.53 -11.00
CA LYS A 98 -2.79 -16.30 -12.02
C LYS A 98 -2.24 -15.48 -13.18
N HIS A 99 -1.63 -14.33 -12.86
CA HIS A 99 -1.12 -13.43 -13.87
C HIS A 99 0.15 -12.72 -13.39
N SER A 100 0.98 -12.33 -14.36
CA SER A 100 2.18 -11.53 -14.16
C SER A 100 1.96 -10.15 -14.77
N PHE A 101 2.43 -9.11 -14.08
CA PHE A 101 2.43 -7.77 -14.60
C PHE A 101 3.88 -7.34 -14.68
N THR A 102 4.50 -7.57 -15.84
CA THR A 102 5.96 -7.62 -15.99
C THR A 102 6.63 -6.37 -15.43
N GLU A 103 6.18 -5.19 -15.87
CA GLU A 103 6.90 -3.96 -15.58
C GLU A 103 6.13 -3.04 -14.65
N ASP A 104 5.03 -3.51 -14.06
CA ASP A 104 4.28 -2.69 -13.14
C ASP A 104 4.84 -2.87 -11.73
N HIS A 105 5.39 -1.79 -11.17
CA HIS A 105 6.08 -1.87 -9.87
C HIS A 105 5.10 -1.67 -8.71
N TYR A 106 3.87 -1.26 -9.03
CA TYR A 106 2.83 -1.11 -8.03
C TYR A 106 1.53 -1.54 -8.66
N VAL A 107 0.68 -2.21 -7.86
CA VAL A 107 -0.63 -2.67 -8.33
C VAL A 107 -1.63 -2.52 -7.20
N GLU A 108 -2.91 -2.31 -7.56
CA GLU A 108 -4.03 -2.32 -6.63
C GLU A 108 -5.20 -3.02 -7.30
N PHE A 109 -6.09 -3.59 -6.50
CA PHE A 109 -7.39 -4.01 -6.98
C PHE A 109 -8.29 -2.80 -7.19
N SER A 110 -9.27 -2.95 -8.08
CA SER A 110 -10.42 -2.06 -8.08
C SER A 110 -11.15 -2.23 -6.74
N LYS A 111 -12.04 -1.28 -6.41
CA LYS A 111 -12.49 -1.10 -5.04
C LYS A 111 -13.92 -1.57 -4.82
N HIS A 112 -14.82 -1.20 -5.72
CA HIS A 112 -16.22 -1.54 -5.57
C HIS A 112 -16.44 -3.00 -5.96
N SER A 113 -16.18 -3.30 -7.21
CA SER A 113 -16.21 -4.64 -7.72
C SER A 113 -14.78 -5.01 -8.06
N GLN A 114 -14.25 -6.02 -7.38
CA GLN A 114 -12.84 -6.35 -7.53
C GLN A 114 -12.64 -7.28 -8.71
N ASP A 115 -12.94 -6.75 -9.91
CA ASP A 115 -12.87 -7.46 -11.17
C ASP A 115 -11.67 -7.00 -12.00
N ARG A 116 -10.94 -5.98 -11.52
CA ARG A 116 -9.84 -5.40 -12.26
C ARG A 116 -8.64 -5.11 -11.35
N VAL A 117 -7.48 -4.99 -11.99
CA VAL A 117 -6.25 -4.57 -11.32
C VAL A 117 -5.76 -3.31 -12.04
N ILE A 118 -5.26 -2.34 -11.26
CA ILE A 118 -4.60 -1.20 -11.85
C ILE A 118 -3.13 -1.24 -11.44
N GLY A 119 -2.27 -1.20 -12.47
CA GLY A 119 -0.83 -1.21 -12.29
C GLY A 119 -0.20 0.11 -12.70
N THR A 120 0.95 0.42 -12.10
CA THR A 120 1.70 1.63 -12.42
C THR A 120 3.06 1.23 -12.99
N LYS A 121 3.39 1.83 -14.14
CA LYS A 121 4.72 1.75 -14.70
C LYS A 121 5.19 3.19 -14.94
N GLY A 122 5.99 3.70 -14.00
CA GLY A 122 6.45 5.08 -14.04
C GLY A 122 5.27 6.02 -14.03
N ASP A 123 5.11 6.78 -15.12
CA ASP A 123 4.07 7.79 -15.24
C ASP A 123 2.77 7.20 -15.81
N ILE A 124 2.78 5.90 -16.16
CA ILE A 124 1.70 5.28 -16.91
C ILE A 124 0.84 4.38 -16.00
N ALA A 125 -0.48 4.43 -16.18
CA ALA A 125 -1.39 3.50 -15.53
C ALA A 125 -1.89 2.46 -16.54
N HIS A 126 -1.95 1.20 -16.09
CA HIS A 126 -2.46 0.09 -16.86
C HIS A 126 -3.62 -0.53 -16.08
N ILE A 127 -4.74 -0.78 -16.76
CA ILE A 127 -5.87 -1.47 -16.15
C ILE A 127 -6.05 -2.84 -16.80
N TYR A 128 -6.16 -3.88 -15.98
CA TYR A 128 -6.24 -5.24 -16.45
C TYR A 128 -7.52 -5.91 -15.94
N ASP A 129 -8.03 -6.83 -16.76
CA ASP A 129 -9.09 -7.74 -16.36
C ASP A 129 -8.50 -8.88 -15.52
N ILE A 130 -9.11 -9.18 -14.38
CA ILE A 130 -8.59 -10.22 -13.51
C ILE A 130 -8.74 -11.59 -14.17
N GLN A 131 -9.88 -11.84 -14.81
CA GLN A 131 -10.18 -13.16 -15.35
C GLN A 131 -9.19 -13.53 -16.46
N THR A 132 -9.04 -12.64 -17.46
CA THR A 132 -8.24 -12.93 -18.64
C THR A 132 -6.79 -12.46 -18.45
N GLY A 133 -6.56 -11.48 -17.57
CA GLY A 133 -5.26 -10.85 -17.41
C GLY A 133 -4.97 -9.84 -18.52
N ASN A 134 -5.93 -9.65 -19.42
CA ASN A 134 -5.76 -8.75 -20.56
C ASN A 134 -5.67 -7.31 -20.09
N LYS A 135 -4.76 -6.55 -20.71
CA LYS A 135 -4.72 -5.11 -20.50
C LYS A 135 -5.90 -4.49 -21.23
N LEU A 136 -6.80 -3.85 -20.47
CA LEU A 136 -7.99 -3.24 -21.02
C LEU A 136 -7.70 -1.81 -21.50
N LEU A 137 -6.87 -1.10 -20.74
CA LEU A 137 -6.69 0.34 -20.87
C LEU A 137 -5.28 0.71 -20.48
N THR A 138 -4.75 1.73 -21.18
CA THR A 138 -3.56 2.44 -20.76
C THR A 138 -3.94 3.92 -20.59
N LEU A 139 -3.69 4.49 -19.41
CA LEU A 139 -3.98 5.90 -19.14
C LEU A 139 -2.66 6.66 -19.00
N PHE A 140 -2.42 7.55 -19.96
CA PHE A 140 -1.20 8.34 -20.01
C PHE A 140 -1.40 9.44 -21.04
N ASN A 141 -1.07 10.67 -20.66
CA ASN A 141 -1.12 11.81 -21.57
C ASN A 141 0.13 12.64 -21.31
N PRO A 142 1.12 12.65 -22.22
CA PRO A 142 2.40 13.30 -21.96
C PRO A 142 2.23 14.80 -21.76
N ASP A 143 1.15 15.36 -22.34
CA ASP A 143 0.87 16.77 -22.24
C ASP A 143 0.35 17.14 -20.85
N LEU A 144 -0.27 16.20 -20.12
CA LEU A 144 -0.85 16.50 -18.81
C LEU A 144 0.01 15.96 -17.65
N ALA A 145 0.99 15.13 -17.95
CA ALA A 145 1.75 14.44 -16.93
C ALA A 145 2.39 15.41 -15.93
N ASN A 146 2.43 15.00 -14.66
CA ASN A 146 3.21 15.70 -13.65
C ASN A 146 4.57 15.03 -13.44
N ASN A 147 4.74 13.80 -13.93
CA ASN A 147 6.02 13.10 -13.84
C ASN A 147 6.45 12.91 -12.38
N TYR A 148 5.50 12.60 -11.50
CA TYR A 148 5.81 12.33 -10.11
C TYR A 148 6.72 11.11 -9.99
N LYS A 149 7.81 11.25 -9.24
CA LYS A 149 8.85 10.24 -9.19
C LYS A 149 8.33 8.97 -8.50
N ARG A 150 7.32 9.12 -7.63
CA ARG A 150 6.79 8.00 -6.86
C ARG A 150 5.30 7.83 -7.14
N ASN A 151 4.94 8.08 -8.41
CA ASN A 151 3.59 7.93 -8.91
C ASN A 151 3.04 6.53 -8.59
N CYS A 152 1.79 6.50 -8.10
CA CYS A 152 1.02 5.28 -7.92
C CYS A 152 -0.40 5.51 -8.40
N ALA A 153 -0.83 4.76 -9.42
CA ALA A 153 -2.20 4.88 -9.93
C ALA A 153 -3.18 4.15 -9.02
N THR A 154 -4.41 4.68 -8.93
CA THR A 154 -5.40 4.17 -8.00
C THR A 154 -6.81 4.44 -8.53
N PHE A 155 -7.72 3.48 -8.30
CA PHE A 155 -9.14 3.67 -8.50
C PHE A 155 -9.79 4.43 -7.35
N ASN A 156 -10.91 5.09 -7.64
CA ASN A 156 -11.75 5.68 -6.61
C ASN A 156 -12.70 4.61 -6.07
N PRO A 157 -13.46 4.93 -5.01
CA PRO A 157 -14.33 3.93 -4.38
C PRO A 157 -15.37 3.25 -5.25
N THR A 158 -15.82 3.91 -6.33
CA THR A 158 -16.83 3.36 -7.23
C THR A 158 -16.21 2.78 -8.50
N ASP A 159 -14.88 2.83 -8.64
CA ASP A 159 -14.15 2.29 -9.78
C ASP A 159 -14.40 3.08 -11.07
N ASP A 160 -15.08 4.22 -10.96
CA ASP A 160 -15.44 5.06 -12.10
C ASP A 160 -14.29 5.99 -12.49
N LEU A 161 -13.45 6.35 -11.51
CA LEU A 161 -12.38 7.33 -11.69
C LEU A 161 -11.05 6.68 -11.33
N VAL A 162 -9.99 7.20 -11.94
CA VAL A 162 -8.62 6.86 -11.61
C VAL A 162 -7.85 8.15 -11.39
N LEU A 163 -6.96 8.12 -10.39
CA LEU A 163 -5.94 9.14 -10.24
C LEU A 163 -4.60 8.52 -10.64
N ASN A 164 -3.96 9.14 -11.64
CA ASN A 164 -2.66 8.71 -12.11
C ASN A 164 -1.80 9.94 -12.36
N ASP A 165 -0.68 10.04 -11.63
CA ASP A 165 0.27 11.11 -11.87
C ASP A 165 -0.39 12.48 -11.69
N GLY A 166 -1.31 12.57 -10.74
CA GLY A 166 -1.99 13.82 -10.41
C GLY A 166 -3.02 14.22 -11.45
N VAL A 167 -3.36 13.30 -12.37
CA VAL A 167 -4.41 13.49 -13.35
C VAL A 167 -5.61 12.63 -12.97
N LEU A 168 -6.79 13.24 -13.00
CA LEU A 168 -8.04 12.55 -12.76
C LEU A 168 -8.63 12.08 -14.10
N TRP A 169 -8.86 10.78 -14.21
CA TRP A 169 -9.40 10.15 -15.41
C TRP A 169 -10.77 9.59 -15.14
N ASP A 170 -11.66 9.72 -16.14
CA ASP A 170 -12.86 8.90 -16.16
C ASP A 170 -12.54 7.62 -16.90
N VAL A 171 -12.78 6.50 -16.23
CA VAL A 171 -12.36 5.21 -16.74
C VAL A 171 -13.18 4.82 -17.97
N ARG A 172 -14.50 4.94 -17.90
CA ARG A 172 -15.36 4.44 -18.95
C ARG A 172 -15.07 5.14 -20.27
N SER A 173 -14.86 6.46 -20.20
CA SER A 173 -14.63 7.29 -21.37
C SER A 173 -13.14 7.38 -21.71
N ALA A 174 -12.27 6.89 -20.79
CA ALA A 174 -10.82 7.02 -20.89
C ALA A 174 -10.47 8.47 -21.25
N GLN A 175 -11.10 9.40 -20.53
CA GLN A 175 -10.92 10.83 -20.72
C GLN A 175 -10.24 11.42 -19.47
N ALA A 176 -9.22 12.26 -19.66
CA ALA A 176 -8.67 13.08 -18.59
C ALA A 176 -9.67 14.19 -18.24
N ILE A 177 -10.16 14.16 -17.01
CA ILE A 177 -11.18 15.08 -16.54
C ILE A 177 -10.50 16.35 -16.02
N HIS A 178 -9.36 16.17 -15.34
CA HIS A 178 -8.72 17.29 -14.67
C HIS A 178 -7.27 16.93 -14.35
N LYS A 179 -6.37 17.91 -14.46
CA LYS A 179 -5.01 17.76 -13.99
C LYS A 179 -4.81 18.67 -12.79
N PHE A 180 -4.44 18.07 -11.64
CA PHE A 180 -4.14 18.84 -10.45
C PHE A 180 -2.73 19.38 -10.55
N ASP A 181 -2.55 20.65 -10.15
CA ASP A 181 -1.25 21.30 -10.25
C ASP A 181 -0.23 20.60 -9.35
N LYS A 182 1.04 20.71 -9.75
CA LYS A 182 2.12 19.98 -9.12
C LYS A 182 2.78 20.84 -8.05
N PHE A 183 2.78 20.33 -6.81
CA PHE A 183 3.33 21.06 -5.67
C PHE A 183 4.33 20.21 -4.89
N ASN A 184 4.76 19.10 -5.46
CA ASN A 184 5.86 18.31 -4.92
C ASN A 184 6.40 17.47 -6.07
N MET A 185 7.54 16.80 -5.82
CA MET A 185 8.22 16.08 -6.88
C MET A 185 7.83 14.60 -6.92
N ASN A 186 7.20 14.08 -5.85
CA ASN A 186 7.18 12.64 -5.59
C ASN A 186 5.77 12.04 -5.57
N ILE A 187 4.88 12.61 -4.75
CA ILE A 187 3.62 11.98 -4.36
C ILE A 187 2.50 12.41 -5.29
N SER A 188 1.73 11.43 -5.80
CA SER A 188 0.76 11.65 -6.85
C SER A 188 -0.68 11.73 -6.32
N GLY A 189 -0.97 11.13 -5.16
CA GLY A 189 -2.26 11.31 -4.54
C GLY A 189 -3.18 10.09 -4.55
N VAL A 190 -4.20 10.17 -3.69
CA VAL A 190 -5.13 9.09 -3.44
C VAL A 190 -6.53 9.67 -3.32
N PHE A 191 -7.53 8.79 -3.44
CA PHE A 191 -8.91 9.15 -3.17
C PHE A 191 -9.24 8.93 -1.70
N HIS A 192 -9.96 9.88 -1.11
CA HIS A 192 -10.61 9.67 0.17
C HIS A 192 -11.73 8.65 -0.02
N PRO A 193 -11.92 7.72 0.93
CA PRO A 193 -12.99 6.75 0.84
C PRO A 193 -14.39 7.36 0.78
N ASN A 194 -14.50 8.65 1.16
CA ASN A 194 -15.78 9.34 1.15
C ASN A 194 -16.24 9.62 -0.29
N GLY A 195 -15.34 9.52 -1.26
CA GLY A 195 -15.70 9.60 -2.67
C GLY A 195 -15.77 11.05 -3.18
N LEU A 196 -15.44 12.02 -2.33
CA LEU A 196 -15.69 13.43 -2.65
C LEU A 196 -14.39 14.25 -2.72
N GLU A 197 -13.29 13.69 -2.21
CA GLU A 197 -12.05 14.42 -2.03
C GLU A 197 -10.88 13.58 -2.49
N VAL A 198 -9.81 14.28 -2.90
CA VAL A 198 -8.54 13.65 -3.19
C VAL A 198 -7.48 14.33 -2.33
N ILE A 199 -6.53 13.50 -1.91
CA ILE A 199 -5.45 13.89 -1.04
C ILE A 199 -4.17 13.75 -1.85
N ILE A 200 -3.57 14.88 -2.23
CA ILE A 200 -2.37 14.86 -3.03
C ILE A 200 -1.26 15.55 -2.25
N ASN A 201 -0.42 14.74 -1.61
CA ASN A 201 0.59 15.25 -0.70
C ASN A 201 -0.11 16.08 0.39
N THR A 202 0.20 17.38 0.48
CA THR A 202 -0.32 18.23 1.55
C THR A 202 -1.65 18.88 1.17
N GLU A 203 -2.09 18.71 -0.08
CA GLU A 203 -3.28 19.39 -0.59
C GLU A 203 -4.49 18.44 -0.60
N ILE A 204 -5.62 18.90 -0.06
CA ILE A 204 -6.89 18.20 -0.16
C ILE A 204 -7.79 18.97 -1.12
N TRP A 205 -8.21 18.32 -2.22
CA TRP A 205 -9.05 18.93 -3.24
C TRP A 205 -10.45 18.32 -3.25
N ASP A 206 -11.46 19.12 -3.57
CA ASP A 206 -12.84 18.64 -3.75
C ASP A 206 -13.03 18.15 -5.19
N LEU A 207 -13.65 16.98 -5.35
CA LEU A 207 -13.86 16.40 -6.67
C LEU A 207 -15.05 17.04 -7.40
N ARG A 208 -15.91 17.77 -6.68
CA ARG A 208 -17.10 18.32 -7.30
C ARG A 208 -16.84 19.75 -7.78
N THR A 209 -15.79 20.40 -7.24
CA THR A 209 -15.50 21.80 -7.57
C THR A 209 -14.03 22.02 -7.96
N PHE A 210 -13.11 21.17 -7.49
CA PHE A 210 -11.67 21.29 -7.73
C PHE A 210 -11.04 22.41 -6.91
N HIS A 211 -11.74 22.85 -5.86
CA HIS A 211 -11.19 23.84 -4.94
C HIS A 211 -10.31 23.16 -3.89
N LEU A 212 -9.36 23.94 -3.35
CA LEU A 212 -8.54 23.48 -2.23
C LEU A 212 -9.35 23.59 -0.94
N LEU A 213 -9.52 22.44 -0.25
CA LEU A 213 -10.31 22.39 0.98
C LEU A 213 -9.41 22.55 2.20
N HIS A 214 -8.20 21.96 2.17
CA HIS A 214 -7.34 21.90 3.34
C HIS A 214 -5.88 21.83 2.90
N THR A 215 -5.02 22.43 3.73
CA THR A 215 -3.57 22.25 3.70
C THR A 215 -3.20 21.43 4.92
N VAL A 216 -2.48 20.33 4.73
CA VAL A 216 -2.10 19.48 5.86
C VAL A 216 -0.58 19.28 5.78
N PRO A 217 0.20 20.20 6.35
CA PRO A 217 1.66 20.15 6.23
C PRO A 217 2.28 18.82 6.62
N ALA A 218 1.71 18.18 7.66
CA ALA A 218 2.26 16.94 8.19
C ALA A 218 2.17 15.78 7.19
N LEU A 219 1.45 15.95 6.07
CA LEU A 219 1.28 14.85 5.12
C LEU A 219 2.36 14.88 4.04
N ASP A 220 3.31 15.82 4.13
CA ASP A 220 4.36 15.94 3.13
C ASP A 220 5.11 14.61 3.00
N GLN A 221 5.17 14.10 1.77
CA GLN A 221 5.90 12.87 1.42
C GLN A 221 5.34 11.65 2.13
N CYS A 222 4.05 11.69 2.53
CA CYS A 222 3.44 10.58 3.21
C CYS A 222 2.67 9.65 2.28
N ARG A 223 2.67 8.37 2.63
CA ARG A 223 1.64 7.44 2.19
C ARG A 223 0.59 7.36 3.29
N VAL A 224 -0.66 7.07 2.91
CA VAL A 224 -1.76 7.07 3.86
C VAL A 224 -2.60 5.81 3.67
N VAL A 225 -3.28 5.44 4.75
CA VAL A 225 -4.28 4.40 4.71
C VAL A 225 -5.38 4.79 5.71
N PHE A 226 -6.58 4.27 5.51
CA PHE A 226 -7.70 4.59 6.36
C PHE A 226 -8.10 3.36 7.16
N ASN A 227 -8.75 3.58 8.30
CA ASN A 227 -9.39 2.49 9.01
C ASN A 227 -10.62 2.03 8.23
N HIS A 228 -11.18 0.91 8.67
CA HIS A 228 -12.26 0.25 7.94
C HIS A 228 -13.42 1.21 7.64
N THR A 229 -13.79 2.05 8.61
CA THR A 229 -14.96 2.90 8.50
C THR A 229 -14.64 4.23 7.84
N GLY A 230 -13.36 4.52 7.58
CA GLY A 230 -12.98 5.76 6.93
C GLY A 230 -13.13 6.99 7.82
N THR A 231 -12.97 6.82 9.14
CA THR A 231 -13.08 7.91 10.09
C THR A 231 -11.69 8.36 10.57
N VAL A 232 -10.68 7.51 10.36
CA VAL A 232 -9.32 7.83 10.74
C VAL A 232 -8.37 7.55 9.58
N MET A 233 -7.41 8.45 9.41
CA MET A 233 -6.37 8.32 8.39
C MET A 233 -5.03 8.20 9.10
N TYR A 234 -4.22 7.24 8.63
CA TYR A 234 -2.87 7.02 9.12
C TYR A 234 -1.89 7.46 8.05
N GLY A 235 -0.87 8.22 8.44
CA GLY A 235 0.15 8.65 7.49
C GLY A 235 1.54 8.42 8.05
N ALA A 236 2.48 8.08 7.15
CA ALA A 236 3.87 7.98 7.50
C ALA A 236 4.73 8.55 6.38
N MET A 237 5.81 9.24 6.76
CA MET A 237 6.64 9.95 5.82
C MET A 237 7.69 9.01 5.22
N LEU A 238 7.80 9.04 3.90
CA LEU A 238 8.80 8.27 3.18
C LEU A 238 10.19 8.80 3.49
N GLN A 239 11.16 7.89 3.54
CA GLN A 239 12.56 8.24 3.41
C GLN A 239 12.81 8.82 2.02
N ALA A 240 13.66 9.85 1.96
CA ALA A 240 14.09 10.43 0.71
C ALA A 240 14.69 9.34 -0.19
N ASP A 241 14.32 9.34 -1.47
CA ASP A 241 14.85 8.40 -2.45
C ASP A 241 15.46 9.19 -3.62
N GLU A 249 22.19 -4.01 -3.55
CA GLU A 249 21.99 -3.63 -2.12
C GLU A 249 20.60 -4.04 -1.67
N ARG A 250 20.50 -4.42 -0.40
CA ARG A 250 19.24 -4.87 0.17
C ARG A 250 18.26 -3.70 0.22
N MET A 251 16.99 -4.06 0.39
CA MET A 251 15.94 -3.08 0.59
C MET A 251 16.17 -2.37 1.93
N LYS A 252 16.03 -1.04 1.89
CA LYS A 252 16.11 -0.19 3.08
C LYS A 252 14.70 0.26 3.48
N SER A 253 14.57 0.66 4.76
N SER A 253 14.57 0.66 4.74
CA SER A 253 13.30 1.10 5.33
CA SER A 253 13.29 1.08 5.28
C SER A 253 12.67 2.17 4.42
C SER A 253 12.69 2.14 4.37
N PRO A 254 11.45 1.95 3.87
CA PRO A 254 10.80 2.97 3.05
C PRO A 254 10.33 4.20 3.81
N PHE A 255 10.02 4.05 5.09
CA PHE A 255 9.53 5.16 5.91
C PHE A 255 10.50 5.49 7.05
N GLY A 256 10.25 6.64 7.67
CA GLY A 256 10.87 6.99 8.95
C GLY A 256 10.19 6.29 10.12
N SER A 257 10.37 6.83 11.33
CA SER A 257 10.08 6.08 12.54
C SER A 257 8.76 6.52 13.19
N SER A 258 8.06 7.45 12.55
N SER A 258 8.05 7.45 12.54
CA SER A 258 6.81 7.96 13.11
CA SER A 258 6.82 7.98 13.10
C SER A 258 5.66 7.72 12.14
C SER A 258 5.66 7.76 12.14
N PHE A 259 4.46 7.56 12.71
CA PHE A 259 3.24 7.67 11.94
C PHE A 259 2.28 8.57 12.70
N ARG A 260 1.39 9.21 11.95
CA ARG A 260 0.43 10.15 12.49
C ARG A 260 -0.97 9.66 12.16
N THR A 261 -1.91 9.95 13.06
CA THR A 261 -3.32 9.74 12.79
C THR A 261 -4.02 11.09 12.69
N PHE A 262 -5.06 11.08 11.85
CA PHE A 262 -5.86 12.25 11.59
C PHE A 262 -7.33 11.84 11.57
N ASN A 263 -8.19 12.75 12.06
CA ASN A 263 -9.62 12.62 11.83
C ASN A 263 -9.86 12.80 10.33
N ALA A 264 -10.46 11.77 9.70
CA ALA A 264 -10.61 11.74 8.25
C ALA A 264 -11.73 12.67 7.79
N THR A 265 -12.54 13.20 8.72
CA THR A 265 -13.60 14.11 8.35
C THR A 265 -13.09 15.55 8.28
N ASP A 266 -12.13 15.94 9.13
CA ASP A 266 -11.72 17.33 9.19
C ASP A 266 -10.19 17.49 9.12
N TYR A 267 -9.47 16.37 9.03
CA TYR A 267 -8.01 16.34 8.88
C TYR A 267 -7.30 16.86 10.13
N LYS A 268 -8.02 16.97 11.24
CA LYS A 268 -7.40 17.42 12.47
C LYS A 268 -6.48 16.31 12.99
N PRO A 269 -5.24 16.64 13.40
CA PRO A 269 -4.34 15.67 14.00
C PRO A 269 -4.96 15.05 15.25
N ILE A 270 -4.80 13.73 15.39
CA ILE A 270 -5.22 13.02 16.58
C ILE A 270 -3.97 12.65 17.38
N ALA A 271 -3.09 11.83 16.80
CA ALA A 271 -1.91 11.36 17.51
C ALA A 271 -0.69 11.33 16.59
N THR A 272 0.48 11.53 17.19
CA THR A 272 1.76 11.25 16.58
C THR A 272 2.44 10.14 17.38
N ILE A 273 2.79 9.05 16.70
CA ILE A 273 3.36 7.87 17.34
C ILE A 273 4.77 7.70 16.80
N ASP A 274 5.78 7.95 17.65
CA ASP A 274 7.16 7.66 17.25
C ASP A 274 7.53 6.31 17.84
N VAL A 275 7.69 5.32 16.97
CA VAL A 275 7.95 3.96 17.45
C VAL A 275 9.46 3.75 17.60
N LYS A 276 10.26 4.76 17.20
CA LYS A 276 11.70 4.78 17.46
C LYS A 276 12.42 3.71 16.65
N ARG A 277 11.75 3.19 15.63
CA ARG A 277 12.30 2.25 14.67
C ARG A 277 11.75 2.66 13.31
N ASN A 278 12.57 2.57 12.26
CA ASN A 278 12.07 2.89 10.92
C ASN A 278 11.00 1.90 10.52
N ILE A 279 9.99 2.40 9.81
CA ILE A 279 8.79 1.64 9.47
C ILE A 279 8.90 1.13 8.03
N PHE A 280 8.52 -0.15 7.84
CA PHE A 280 8.43 -0.74 6.51
C PHE A 280 7.00 -0.72 5.97
N ASP A 281 6.01 -0.89 6.83
CA ASP A 281 4.62 -0.94 6.37
C ASP A 281 3.70 -0.86 7.58
N LEU A 282 2.43 -0.59 7.27
CA LEU A 282 1.35 -0.56 8.24
C LEU A 282 0.11 -1.11 7.54
N CYS A 283 -0.70 -1.86 8.27
CA CYS A 283 -1.97 -2.33 7.71
C CYS A 283 -3.04 -2.21 8.80
N THR A 284 -4.24 -1.82 8.36
CA THR A 284 -5.42 -1.76 9.19
C THR A 284 -6.30 -2.98 8.91
N ASP A 285 -6.96 -3.50 9.96
N ASP A 285 -6.95 -3.50 9.97
CA ASP A 285 -7.85 -4.65 9.82
CA ASP A 285 -7.85 -4.64 9.87
C ASP A 285 -9.17 -4.20 9.20
C ASP A 285 -9.21 -4.17 9.32
N THR A 286 -10.16 -5.10 9.20
CA THR A 286 -11.45 -4.77 8.60
C THR A 286 -12.50 -4.51 9.69
N LYS A 287 -12.09 -4.11 10.89
CA LYS A 287 -13.05 -3.90 11.97
C LYS A 287 -12.60 -2.79 12.94
N ASP A 288 -11.81 -1.81 12.47
CA ASP A 288 -11.48 -0.62 13.25
C ASP A 288 -10.95 -0.99 14.63
N CYS A 289 -10.20 -2.09 14.73
CA CYS A 289 -9.77 -2.58 16.02
C CYS A 289 -8.25 -2.65 16.09
N TYR A 290 -7.63 -3.37 15.14
CA TYR A 290 -6.21 -3.66 15.18
C TYR A 290 -5.50 -2.91 14.04
N LEU A 291 -4.24 -2.57 14.33
CA LEU A 291 -3.27 -2.07 13.38
C LEU A 291 -2.04 -2.98 13.48
N ALA A 292 -1.42 -3.33 12.36
CA ALA A 292 -0.12 -3.95 12.42
C ALA A 292 0.91 -3.07 11.73
N VAL A 293 2.13 -3.06 12.31
CA VAL A 293 3.22 -2.24 11.82
C VAL A 293 4.47 -3.12 11.72
N ILE A 294 5.17 -2.98 10.59
CA ILE A 294 6.48 -3.60 10.42
C ILE A 294 7.53 -2.55 10.73
N GLU A 295 8.35 -2.84 11.75
CA GLU A 295 9.31 -1.91 12.31
C GLU A 295 10.70 -2.54 12.24
N ASN A 296 11.70 -1.79 11.75
CA ASN A 296 13.05 -2.32 11.67
C ASN A 296 13.83 -2.00 12.95
N GLN A 297 14.35 -3.03 13.61
CA GLN A 297 15.23 -2.81 14.75
C GLN A 297 16.60 -2.29 14.29
N GLY A 298 16.98 -2.63 13.06
CA GLY A 298 18.26 -2.21 12.50
C GLY A 298 18.14 -0.86 11.81
N SER A 299 19.31 -0.23 11.61
CA SER A 299 19.43 1.02 10.87
C SER A 299 19.64 0.75 9.37
N MET A 300 19.66 1.83 8.60
CA MET A 300 19.87 1.73 7.17
C MET A 300 21.32 1.37 6.84
N ASP A 301 22.22 1.44 7.84
CA ASP A 301 23.63 1.08 7.65
C ASP A 301 23.90 -0.39 7.99
N ALA A 302 22.95 -1.06 8.65
CA ALA A 302 23.14 -2.45 9.02
C ALA A 302 23.28 -3.32 7.79
N LEU A 303 24.03 -4.41 7.94
CA LEU A 303 24.21 -5.38 6.88
C LEU A 303 22.87 -5.97 6.44
N ASN A 304 22.01 -6.27 7.40
CA ASN A 304 20.71 -6.87 7.14
C ASN A 304 19.64 -6.05 7.83
N MET A 305 18.41 -6.18 7.35
CA MET A 305 17.27 -5.69 8.11
C MET A 305 17.00 -6.67 9.24
N ASP A 306 16.30 -6.19 10.27
CA ASP A 306 15.92 -7.02 11.40
C ASP A 306 14.57 -6.52 11.91
N THR A 307 13.51 -6.87 11.16
CA THR A 307 12.20 -6.28 11.37
C THR A 307 11.38 -7.14 12.32
N VAL A 308 10.42 -6.47 12.93
CA VAL A 308 9.41 -7.13 13.74
C VAL A 308 8.05 -6.65 13.25
N CYS A 309 7.04 -7.46 13.52
CA CYS A 309 5.66 -7.06 13.35
C CYS A 309 5.05 -6.79 14.72
N ARG A 310 4.57 -5.56 14.94
N ARG A 310 4.53 -5.58 14.92
CA ARG A 310 3.82 -5.24 16.14
CA ARG A 310 3.83 -5.21 16.15
C ARG A 310 2.35 -5.09 15.78
C ARG A 310 2.35 -5.01 15.84
N LEU A 311 1.50 -5.75 16.57
CA LEU A 311 0.06 -5.60 16.50
C LEU A 311 -0.36 -4.65 17.62
N TYR A 312 -1.12 -3.61 17.26
CA TYR A 312 -1.61 -2.63 18.22
C TYR A 312 -3.14 -2.66 18.21
N GLU A 313 -3.73 -2.44 19.38
CA GLU A 313 -5.17 -2.20 19.47
C GLU A 313 -5.40 -0.70 19.46
N VAL A 314 -6.34 -0.26 18.62
CA VAL A 314 -6.66 1.15 18.43
C VAL A 314 -8.13 1.36 18.82
#